data_3KLC
#
_entry.id   3KLC
#
_cell.length_a   59.283
_cell.length_b   59.283
_cell.length_c   129.196
_cell.angle_alpha   90.00
_cell.angle_beta   90.00
_cell.angle_gamma   90.00
#
_symmetry.space_group_name_H-M   'P 41'
#
loop_
_entity.id
_entity.type
_entity.pdbx_description
1 polymer 'Beta ureidopropionase (Beta-alanine synthase)'
2 non-polymer 'BROMIDE ION'
3 non-polymer 'ACETIC ACID'
4 non-polymer 'MAGNESIUM ION'
5 water water
#
_entity_poly.entity_id   1
_entity_poly.type   'polypeptide(L)'
_entity_poly.pdbx_seq_one_letter_code
;MVKVAYVQMNPQILEPDKNYSKAEKLIKEASKQGAQLVVLPELFDTGYNFETREEVFEIAQKIPEGETTTFLMDVARDTG
VYIVAGTAEKDGDVLYNSAVVVGPRGFIGKYRKIHLFYREKFFFEPGDLGFRVFDLGFMKVGVMI(CSX)FDWFFPESAR
TLALKGADVIAHPANLVMPYAPRAMPIRALENKVYTVTADRVGEERGLKFIGKSLIASPKAEVLSMASETEEEVGVAEID
LSLVRNKRINDLNDIFKDRREEYYFR
;
_entity_poly.pdbx_strand_id   A,B
#
loop_
_chem_comp.id
_chem_comp.type
_chem_comp.name
_chem_comp.formula
ACY non-polymer 'ACETIC ACID' 'C2 H4 O2'
BR non-polymer 'BROMIDE ION' 'Br -1'
MG non-polymer 'MAGNESIUM ION' 'Mg 2'
#
# COMPACT_ATOMS: atom_id res chain seq x y z
N VAL A 2 11.47 20.09 -11.58
CA VAL A 2 12.44 19.01 -11.93
C VAL A 2 11.63 18.02 -12.75
N LYS A 3 12.27 17.44 -13.76
CA LYS A 3 11.57 16.50 -14.68
C LYS A 3 12.12 15.11 -14.68
N VAL A 4 11.18 14.15 -14.61
CA VAL A 4 11.51 12.75 -14.51
C VAL A 4 10.81 11.97 -15.61
N ALA A 5 11.40 10.86 -16.06
CA ALA A 5 10.82 10.14 -17.18
C ALA A 5 10.91 8.64 -17.02
N TYR A 6 10.03 7.91 -17.68
CA TYR A 6 10.29 6.51 -17.89
C TYR A 6 10.54 6.27 -19.35
N VAL A 7 11.34 5.24 -19.62
CA VAL A 7 11.44 4.66 -20.92
C VAL A 7 10.77 3.29 -20.91
N GLN A 8 9.69 3.21 -21.65
CA GLN A 8 9.03 1.92 -21.87
C GLN A 8 9.51 1.38 -23.19
N MET A 9 10.14 0.20 -23.18
CA MET A 9 10.68 -0.39 -24.41
C MET A 9 10.55 -1.92 -24.38
N ASN A 10 10.80 -2.55 -25.54
CA ASN A 10 10.63 -4.01 -25.75
C ASN A 10 11.99 -4.70 -25.83
N PRO A 11 12.56 -5.05 -24.68
CA PRO A 11 13.84 -5.69 -24.75
C PRO A 11 13.77 -6.99 -25.57
N GLN A 12 14.57 -7.06 -26.63
CA GLN A 12 14.74 -8.30 -27.40
C GLN A 12 15.62 -9.25 -26.64
N ILE A 13 15.14 -10.42 -26.22
CA ILE A 13 15.92 -11.30 -25.31
C ILE A 13 17.22 -11.77 -25.98
N LEU A 14 18.32 -11.73 -25.20
CA LEU A 14 19.67 -12.12 -25.63
C LEU A 14 20.28 -11.26 -26.72
N GLU A 15 19.74 -10.07 -26.87
CA GLU A 15 20.19 -9.19 -27.96
C GLU A 15 20.59 -7.80 -27.46
N PRO A 16 21.67 -7.72 -26.67
CA PRO A 16 21.89 -6.39 -26.02
C PRO A 16 22.21 -5.19 -26.93
N ASP A 17 22.99 -5.43 -28.01
CA ASP A 17 23.29 -4.34 -28.95
C ASP A 17 22.01 -3.73 -29.53
N LYS A 18 21.00 -4.58 -29.78
CA LYS A 18 19.69 -4.13 -30.22
C LYS A 18 19.01 -3.30 -29.14
N ASN A 19 19.19 -3.74 -27.90
CA ASN A 19 18.48 -3.09 -26.80
C ASN A 19 19.12 -1.74 -26.44
N TYR A 20 20.45 -1.69 -26.50
CA TYR A 20 21.24 -0.43 -26.44
C TYR A 20 20.79 0.61 -27.41
N SER A 21 20.75 0.24 -28.69
CA SER A 21 20.27 1.13 -29.73
C SER A 21 18.87 1.65 -29.39
N LYS A 22 17.96 0.75 -29.00
CA LYS A 22 16.61 1.13 -28.67
C LYS A 22 16.56 2.05 -27.44
N ALA A 23 17.33 1.70 -26.42
CA ALA A 23 17.33 2.48 -25.17
C ALA A 23 18.00 3.85 -25.38
N GLU A 24 19.04 3.88 -26.20
CA GLU A 24 19.62 5.19 -26.56
C GLU A 24 18.62 6.14 -27.19
N LYS A 25 17.94 5.67 -28.22
CA LYS A 25 16.89 6.41 -28.91
C LYS A 25 15.89 7.00 -27.94
N LEU A 26 15.45 6.17 -27.00
CA LEU A 26 14.37 6.57 -26.10
C LEU A 26 14.82 7.47 -24.93
N ILE A 27 15.97 7.17 -24.32
CA ILE A 27 16.62 8.10 -23.41
C ILE A 27 16.81 9.47 -24.09
N LYS A 28 17.37 9.47 -25.30
CA LYS A 28 17.50 10.77 -26.02
C LYS A 28 16.15 11.42 -26.14
N GLU A 29 15.10 10.62 -26.37
CA GLU A 29 13.79 11.24 -26.47
C GLU A 29 13.37 11.89 -25.16
N ALA A 30 13.64 11.20 -24.04
CA ALA A 30 13.18 11.68 -22.75
C ALA A 30 13.98 12.96 -22.43
N SER A 31 15.27 12.92 -22.77
CA SER A 31 16.17 14.06 -22.60
C SER A 31 15.70 15.31 -23.36
N LYS A 32 15.22 15.11 -24.60
CA LYS A 32 14.85 16.22 -25.44
C LYS A 32 13.64 16.92 -24.82
N GLN A 33 12.87 16.15 -24.03
CA GLN A 33 11.64 16.60 -23.40
C GLN A 33 11.86 17.22 -22.03
N GLY A 34 13.12 17.22 -21.61
CA GLY A 34 13.53 18.00 -20.48
C GLY A 34 13.76 17.18 -19.24
N ALA A 35 13.59 15.85 -19.35
CA ALA A 35 13.90 14.92 -18.25
C ALA A 35 15.35 15.05 -17.75
N GLN A 36 15.51 15.20 -16.45
CA GLN A 36 16.82 15.06 -15.88
C GLN A 36 17.05 13.67 -15.30
N LEU A 37 15.97 12.95 -15.03
CA LEU A 37 16.07 11.55 -14.61
C LEU A 37 15.23 10.69 -15.56
N VAL A 38 15.84 9.62 -16.06
CA VAL A 38 15.20 8.75 -17.04
C VAL A 38 15.33 7.32 -16.51
N VAL A 39 14.25 6.55 -16.50
CA VAL A 39 14.22 5.25 -15.84
C VAL A 39 13.85 4.25 -16.94
N LEU A 40 14.58 3.16 -17.04
CA LEU A 40 14.34 2.14 -18.08
C LEU A 40 13.79 0.88 -17.43
N PRO A 41 13.36 -0.09 -18.26
CA PRO A 41 12.75 -1.27 -17.65
C PRO A 41 13.69 -2.18 -16.89
N GLU A 42 13.14 -3.17 -16.21
CA GLU A 42 13.94 -4.19 -15.59
C GLU A 42 14.60 -5.03 -16.68
N LEU A 43 15.84 -5.46 -16.46
CA LEU A 43 16.57 -6.25 -17.47
C LEU A 43 16.37 -5.75 -18.89
N PHE A 44 16.60 -4.46 -19.13
CA PHE A 44 16.32 -3.94 -20.47
C PHE A 44 17.31 -4.51 -21.51
N ASP A 45 18.47 -4.93 -21.08
CA ASP A 45 19.54 -5.27 -22.03
C ASP A 45 19.41 -6.72 -22.49
N THR A 46 19.08 -7.60 -21.54
CA THR A 46 19.03 -9.03 -21.82
C THR A 46 17.65 -9.60 -22.13
N GLY A 47 16.59 -8.88 -21.76
CA GLY A 47 15.29 -9.49 -21.72
C GLY A 47 15.11 -10.33 -20.46
N TYR A 48 14.00 -11.06 -20.44
CA TYR A 48 13.45 -11.53 -19.17
C TYR A 48 13.22 -13.02 -19.11
N ASN A 49 12.57 -13.56 -20.12
CA ASN A 49 12.03 -14.93 -19.99
C ASN A 49 12.97 -16.07 -20.32
N PHE A 50 14.00 -16.29 -19.51
CA PHE A 50 15.02 -17.22 -19.90
C PHE A 50 14.56 -18.63 -19.57
N GLU A 51 15.10 -19.62 -20.27
CA GLU A 51 14.90 -21.04 -19.94
C GLU A 51 16.06 -21.54 -19.09
N THR A 52 17.27 -21.16 -19.49
CA THR A 52 18.44 -21.57 -18.76
C THR A 52 19.16 -20.37 -18.23
N ARG A 53 19.92 -20.60 -17.18
CA ARG A 53 20.82 -19.60 -16.69
C ARG A 53 21.96 -19.33 -17.69
N GLU A 54 22.37 -20.35 -18.46
CA GLU A 54 23.53 -20.22 -19.34
C GLU A 54 23.37 -19.13 -20.36
N GLU A 55 22.22 -19.09 -21.00
CA GLU A 55 21.98 -18.14 -22.03
C GLU A 55 21.98 -16.71 -21.52
N VAL A 56 21.56 -16.48 -20.28
CA VAL A 56 21.58 -15.09 -19.76
C VAL A 56 22.96 -14.78 -19.21
N PHE A 57 23.53 -15.74 -18.49
CA PHE A 57 24.83 -15.57 -17.89
C PHE A 57 25.88 -15.28 -18.95
N GLU A 58 25.82 -16.04 -20.05
CA GLU A 58 26.78 -15.90 -21.16
C GLU A 58 26.92 -14.45 -21.58
N ILE A 59 25.84 -13.70 -21.52
CA ILE A 59 25.82 -12.36 -22.11
C ILE A 59 25.73 -11.25 -21.09
N ALA A 60 25.48 -11.62 -19.83
CA ALA A 60 25.23 -10.60 -18.82
C ALA A 60 26.50 -9.83 -18.60
N GLN A 61 26.33 -8.55 -18.24
CA GLN A 61 27.46 -7.64 -18.12
C GLN A 61 27.76 -7.29 -16.68
N LYS A 62 29.04 -7.03 -16.42
CA LYS A 62 29.53 -6.58 -15.11
C LYS A 62 29.11 -5.10 -14.94
N ILE A 63 28.93 -4.69 -13.69
CA ILE A 63 28.69 -3.28 -13.37
C ILE A 63 29.85 -2.82 -12.52
N PRO A 64 30.44 -1.66 -12.82
CA PRO A 64 30.05 -0.66 -13.83
C PRO A 64 30.84 -0.76 -15.13
N GLU A 65 31.73 -1.75 -15.20
CA GLU A 65 32.72 -1.75 -16.26
C GLU A 65 32.28 -2.47 -17.55
N GLY A 66 31.18 -3.22 -17.45
CA GLY A 66 30.66 -3.96 -18.61
C GLY A 66 29.89 -3.10 -19.57
N GLU A 67 29.52 -3.68 -20.71
CA GLU A 67 28.89 -2.96 -21.84
C GLU A 67 27.58 -2.21 -21.60
N THR A 68 26.76 -2.71 -20.70
CA THR A 68 25.50 -2.05 -20.44
C THR A 68 25.70 -0.73 -19.71
N THR A 69 26.45 -0.76 -18.61
CA THR A 69 26.73 0.46 -17.82
C THR A 69 27.52 1.48 -18.65
N THR A 70 28.45 1.01 -19.48
CA THR A 70 29.34 1.97 -20.15
C THR A 70 28.59 2.63 -21.26
N PHE A 71 27.69 1.87 -21.85
CA PHE A 71 26.76 2.37 -22.82
C PHE A 71 25.87 3.44 -22.18
N LEU A 72 25.32 3.12 -21.00
CA LEU A 72 24.41 4.05 -20.32
C LEU A 72 25.15 5.33 -19.88
N MET A 73 26.40 5.16 -19.46
CA MET A 73 27.25 6.30 -19.12
C MET A 73 27.49 7.16 -20.35
N ASP A 74 27.73 6.53 -21.49
CA ASP A 74 27.96 7.24 -22.74
C ASP A 74 26.78 8.06 -23.02
N VAL A 75 25.59 7.45 -22.96
CA VAL A 75 24.34 8.14 -23.19
C VAL A 75 24.09 9.27 -22.17
N ALA A 76 24.36 9.02 -20.88
CA ALA A 76 24.13 10.02 -19.82
C ALA A 76 25.08 11.17 -20.08
N ARG A 77 26.33 10.83 -20.39
CA ARG A 77 27.35 11.84 -20.68
C ARG A 77 26.87 12.73 -21.81
N ASP A 78 26.34 12.10 -22.85
CA ASP A 78 26.04 12.77 -24.11
C ASP A 78 24.77 13.60 -24.02
N THR A 79 23.82 13.13 -23.23
CA THR A 79 22.51 13.79 -23.06
C THR A 79 22.41 14.66 -21.80
N GLY A 80 23.30 14.48 -20.84
CA GLY A 80 23.19 15.23 -19.59
C GLY A 80 22.05 14.78 -18.69
N VAL A 81 21.60 13.52 -18.81
CA VAL A 81 20.53 13.04 -17.92
C VAL A 81 21.11 12.04 -16.95
N TYR A 82 20.37 11.78 -15.86
CA TYR A 82 20.66 10.67 -15.03
C TYR A 82 19.75 9.51 -15.43
N ILE A 83 20.22 8.28 -15.28
CA ILE A 83 19.50 7.15 -15.86
C ILE A 83 19.47 6.09 -14.82
N VAL A 84 18.29 5.51 -14.60
CA VAL A 84 18.15 4.33 -13.77
C VAL A 84 17.68 3.22 -14.72
N ALA A 85 18.41 2.13 -14.80
CA ALA A 85 18.07 1.08 -15.79
C ALA A 85 18.24 -0.33 -15.29
N GLY A 86 17.24 -1.17 -15.57
CA GLY A 86 17.30 -2.56 -15.19
C GLY A 86 18.32 -3.29 -16.05
N THR A 87 19.17 -4.07 -15.41
CA THR A 87 20.16 -4.82 -16.16
C THR A 87 20.50 -6.15 -15.53
N ALA A 88 20.71 -7.16 -16.37
CA ALA A 88 21.21 -8.40 -15.78
C ALA A 88 22.65 -8.13 -15.40
N GLU A 89 22.94 -8.24 -14.11
CA GLU A 89 24.26 -7.96 -13.61
C GLU A 89 25.10 -9.21 -13.40
N LYS A 90 26.13 -9.36 -14.20
CA LYS A 90 27.07 -10.43 -13.93
C LYS A 90 27.99 -9.94 -12.83
N ASP A 91 28.01 -10.70 -11.75
CA ASP A 91 28.94 -10.48 -10.69
C ASP A 91 29.67 -11.75 -10.24
N GLY A 92 30.86 -11.95 -10.81
CA GLY A 92 31.60 -13.18 -10.65
C GLY A 92 30.81 -14.27 -11.32
N ASP A 93 30.45 -15.25 -10.53
CA ASP A 93 29.79 -16.48 -11.01
C ASP A 93 28.30 -16.29 -11.02
N VAL A 94 27.87 -15.21 -10.37
CA VAL A 94 26.51 -15.01 -9.93
C VAL A 94 25.85 -13.86 -10.71
N LEU A 95 24.55 -13.99 -10.99
CA LEU A 95 23.76 -12.98 -11.67
C LEU A 95 22.76 -12.31 -10.72
N TYR A 96 22.64 -10.99 -10.86
CA TYR A 96 21.62 -10.24 -10.15
C TYR A 96 20.69 -9.59 -11.14
N ASN A 97 19.47 -9.35 -10.67
CA ASN A 97 18.52 -8.60 -11.42
C ASN A 97 18.70 -7.22 -10.84
N SER A 98 19.41 -6.37 -11.56
CA SER A 98 19.86 -5.11 -11.01
C SER A 98 19.36 -3.89 -11.70
N ALA A 99 19.58 -2.71 -11.07
CA ALA A 99 19.30 -1.42 -11.68
C ALA A 99 20.59 -0.67 -11.51
N VAL A 100 21.11 -0.13 -12.61
CA VAL A 100 22.22 0.84 -12.53
C VAL A 100 21.71 2.24 -12.53
N VAL A 101 22.38 3.11 -11.78
CA VAL A 101 22.09 4.53 -11.80
C VAL A 101 23.34 5.21 -12.40
N VAL A 102 23.14 6.03 -13.42
CA VAL A 102 24.30 6.69 -14.00
C VAL A 102 23.94 8.15 -14.24
N GLY A 103 24.95 9.01 -14.33
CA GLY A 103 24.69 10.42 -14.56
C GLY A 103 25.76 10.89 -15.54
N PRO A 104 25.72 12.18 -15.91
CA PRO A 104 26.66 12.71 -16.89
C PRO A 104 28.13 12.57 -16.47
N ARG A 105 28.38 12.40 -15.18
CA ARG A 105 29.76 12.22 -14.71
C ARG A 105 30.18 10.77 -14.65
N GLY A 106 29.24 9.89 -14.93
CA GLY A 106 29.53 8.47 -15.03
C GLY A 106 28.63 7.67 -14.11
N PHE A 107 29.20 6.64 -13.50
CA PHE A 107 28.46 5.67 -12.70
C PHE A 107 28.15 6.23 -11.29
N ILE A 108 26.91 6.06 -10.88
CA ILE A 108 26.45 6.61 -9.60
C ILE A 108 26.27 5.49 -8.62
N GLY A 109 25.63 4.41 -9.06
CA GLY A 109 25.33 3.32 -8.17
C GLY A 109 24.45 2.25 -8.82
N LYS A 110 24.20 1.21 -8.07
CA LYS A 110 23.28 0.15 -8.50
C LYS A 110 22.42 -0.37 -7.33
N TYR A 111 21.32 -1.03 -7.67
CA TYR A 111 20.43 -1.60 -6.68
C TYR A 111 20.19 -3.03 -7.26
N ARG A 112 20.16 -4.03 -6.40
CA ARG A 112 19.84 -5.43 -6.76
C ARG A 112 18.45 -5.83 -6.20
N LYS A 113 17.58 -6.29 -7.09
CA LYS A 113 16.20 -6.64 -6.74
C LYS A 113 16.15 -7.54 -5.55
N ILE A 114 15.52 -7.01 -4.51
CA ILE A 114 15.42 -7.64 -3.22
C ILE A 114 14.42 -8.79 -3.33
N HIS A 115 13.29 -8.56 -4.00
CA HIS A 115 12.22 -9.55 -3.96
C HIS A 115 12.12 -10.15 -5.32
N LEU A 116 12.73 -11.32 -5.50
CA LEU A 116 12.77 -11.95 -6.79
C LEU A 116 11.40 -12.56 -7.10
N PHE A 117 11.06 -12.56 -8.36
CA PHE A 117 9.74 -12.95 -8.70
C PHE A 117 9.75 -14.20 -9.54
N TYR A 118 9.03 -15.21 -9.05
CA TYR A 118 8.70 -16.38 -9.88
C TYR A 118 9.97 -17.06 -10.31
N ARG A 119 10.16 -17.27 -11.61
CA ARG A 119 11.29 -18.02 -12.13
C ARG A 119 12.64 -17.30 -12.05
N GLU A 120 12.60 -16.02 -11.65
CA GLU A 120 13.84 -15.24 -11.52
C GLU A 120 14.68 -15.96 -10.49
N LYS A 121 13.99 -16.60 -9.56
CA LYS A 121 14.63 -17.37 -8.54
C LYS A 121 15.50 -18.47 -9.13
N PHE A 122 15.20 -18.92 -10.35
CA PHE A 122 16.05 -19.91 -11.03
C PHE A 122 17.39 -19.32 -11.53
N PHE A 123 17.43 -18.02 -11.81
CA PHE A 123 18.57 -17.44 -12.53
C PHE A 123 19.38 -16.41 -11.81
N PHE A 124 18.71 -15.72 -10.90
CA PHE A 124 19.26 -14.56 -10.21
C PHE A 124 19.38 -14.77 -8.74
N GLU A 125 20.41 -14.19 -8.16
CA GLU A 125 20.58 -14.20 -6.73
C GLU A 125 19.68 -13.12 -6.17
N PRO A 126 19.07 -13.36 -5.02
CA PRO A 126 18.27 -12.26 -4.41
C PRO A 126 19.17 -11.10 -4.06
N GLY A 127 18.65 -9.89 -4.20
CA GLY A 127 19.41 -8.66 -4.00
C GLY A 127 19.96 -8.56 -2.59
N ASP A 128 21.12 -7.93 -2.43
CA ASP A 128 21.84 -7.94 -1.17
C ASP A 128 22.44 -6.59 -0.80
N LEU A 129 21.99 -5.56 -1.47
CA LEU A 129 22.54 -4.21 -1.27
C LEU A 129 21.55 -3.36 -0.51
N GLY A 130 20.40 -3.95 -0.24
CA GLY A 130 19.26 -3.26 0.37
C GLY A 130 18.62 -2.23 -0.57
N PHE A 131 17.71 -1.43 -0.03
CA PHE A 131 17.07 -0.35 -0.76
C PHE A 131 17.84 0.93 -0.60
N ARG A 132 18.38 1.42 -1.71
CA ARG A 132 19.25 2.57 -1.66
C ARG A 132 18.67 3.78 -2.31
N VAL A 133 19.04 4.93 -1.74
CA VAL A 133 18.60 6.21 -2.23
C VAL A 133 19.87 6.93 -2.68
N PHE A 134 19.83 7.44 -3.90
CA PHE A 134 21.01 8.06 -4.52
C PHE A 134 20.87 9.56 -4.59
N ASP A 135 21.80 10.30 -4.02
CA ASP A 135 21.64 11.77 -3.97
C ASP A 135 22.30 12.31 -5.22
N LEU A 136 21.50 12.87 -6.11
CA LEU A 136 22.00 13.47 -7.32
C LEU A 136 22.24 14.97 -7.13
N GLY A 137 22.16 15.42 -5.88
CA GLY A 137 22.19 16.85 -5.60
C GLY A 137 20.85 17.51 -5.80
N PHE A 138 20.38 17.60 -7.04
CA PHE A 138 19.11 18.23 -7.26
C PHE A 138 17.95 17.36 -6.76
N MET A 139 18.19 16.05 -6.63
CA MET A 139 17.19 15.15 -6.05
C MET A 139 17.78 13.88 -5.48
N LYS A 140 17.01 13.21 -4.63
CA LYS A 140 17.45 11.96 -4.06
C LYS A 140 16.57 10.91 -4.72
N VAL A 141 17.20 9.89 -5.34
CA VAL A 141 16.45 8.93 -6.13
C VAL A 141 16.53 7.57 -5.48
N GLY A 142 15.37 7.06 -5.00
CA GLY A 142 15.27 5.67 -4.55
C GLY A 142 15.10 4.73 -5.72
N VAL A 143 15.59 3.48 -5.59
CA VAL A 143 15.37 2.51 -6.67
C VAL A 143 14.80 1.22 -6.13
N MET A 144 13.79 0.69 -6.80
CA MET A 144 13.35 -0.68 -6.54
C MET A 144 12.96 -1.28 -7.89
N ILE A 145 12.81 -2.59 -7.97
CA ILE A 145 12.61 -3.19 -9.25
C ILE A 145 11.34 -4.02 -9.21
N CSX A 146 10.47 -3.85 -10.27
CA CSX A 146 9.36 -4.73 -10.59
CB CSX A 146 9.95 -5.93 -11.30
SG CSX A 146 8.60 -6.64 -12.27
C CSX A 146 8.66 -5.20 -9.31
O CSX A 146 8.26 -4.38 -8.44
OD CSX A 146 8.91 -8.06 -11.84
N PHE A 147 8.71 -6.57 -8.86
CA PHE A 147 8.04 -7.22 -7.70
C PHE A 147 8.19 -6.54 -6.33
N ASP A 148 9.28 -5.77 -6.18
CA ASP A 148 9.44 -4.90 -5.03
C ASP A 148 8.17 -4.06 -4.74
N TRP A 149 7.47 -3.57 -5.76
CA TRP A 149 6.21 -2.81 -5.57
C TRP A 149 5.23 -3.57 -4.65
N PHE A 150 5.20 -4.89 -4.76
CA PHE A 150 4.21 -5.66 -4.01
C PHE A 150 4.30 -5.55 -2.48
N PHE A 151 5.53 -5.44 -1.97
CA PHE A 151 5.82 -5.29 -0.57
C PHE A 151 5.85 -3.78 -0.23
N PRO A 152 4.85 -3.25 0.52
CA PRO A 152 4.89 -1.82 0.83
C PRO A 152 6.21 -1.42 1.51
N GLU A 153 6.84 -2.39 2.15
CA GLU A 153 8.13 -2.14 2.77
C GLU A 153 9.20 -1.58 1.83
N SER A 154 9.16 -1.94 0.53
CA SER A 154 10.18 -1.48 -0.42
C SER A 154 10.12 0.03 -0.54
N ALA A 155 8.96 0.54 -0.97
CA ALA A 155 8.74 1.96 -1.10
C ALA A 155 8.92 2.69 0.21
N ARG A 156 8.41 2.12 1.29
CA ARG A 156 8.58 2.66 2.64
C ARG A 156 10.05 2.89 3.03
N THR A 157 10.88 1.86 2.88
CA THR A 157 12.33 1.95 3.13
C THR A 157 12.98 3.05 2.32
N LEU A 158 12.71 3.10 1.03
CA LEU A 158 13.17 4.19 0.16
C LEU A 158 12.76 5.60 0.59
N ALA A 159 11.47 5.76 0.85
CA ALA A 159 10.90 7.02 1.32
C ALA A 159 11.47 7.46 2.66
N LEU A 160 11.65 6.51 3.55
CA LEU A 160 12.16 6.81 4.87
C LEU A 160 13.62 7.23 4.80
N LYS A 161 14.27 6.83 3.72
CA LYS A 161 15.66 7.16 3.51
C LYS A 161 15.82 8.43 2.68
N GLY A 162 14.73 9.21 2.60
CA GLY A 162 14.71 10.52 2.01
C GLY A 162 14.54 10.54 0.51
N ALA A 163 14.11 9.42 -0.09
CA ALA A 163 13.86 9.43 -1.52
C ALA A 163 12.87 10.54 -1.80
N ASP A 164 13.18 11.36 -2.79
CA ASP A 164 12.17 12.22 -3.39
C ASP A 164 11.38 11.48 -4.45
N VAL A 165 12.10 10.67 -5.24
CA VAL A 165 11.48 9.91 -6.32
C VAL A 165 11.90 8.45 -6.18
N ILE A 166 10.94 7.55 -6.32
CA ILE A 166 11.26 6.15 -6.49
C ILE A 166 11.32 5.79 -7.96
N ALA A 167 12.53 5.42 -8.41
CA ALA A 167 12.70 4.91 -9.74
C ALA A 167 12.47 3.40 -9.75
N HIS A 168 11.65 2.94 -10.68
CA HIS A 168 11.13 1.58 -10.59
C HIS A 168 11.10 0.87 -11.96
N PRO A 169 12.28 0.37 -12.38
CA PRO A 169 12.33 -0.50 -13.52
C PRO A 169 11.46 -1.71 -13.25
N ALA A 170 10.69 -2.10 -14.25
CA ALA A 170 9.75 -3.23 -14.03
C ALA A 170 9.63 -4.04 -15.32
N ASN A 171 9.28 -5.33 -15.19
CA ASN A 171 8.73 -6.14 -16.32
C ASN A 171 7.47 -6.83 -15.78
N LEU A 172 6.38 -6.09 -15.72
CA LEU A 172 5.17 -6.48 -14.99
C LEU A 172 4.42 -7.49 -15.80
N VAL A 173 3.97 -8.57 -15.13
CA VAL A 173 3.17 -9.61 -15.79
C VAL A 173 1.73 -9.64 -15.24
N MET A 174 1.59 -9.29 -13.94
CA MET A 174 0.33 -9.22 -13.19
C MET A 174 -0.23 -7.82 -13.42
N PRO A 175 -1.55 -7.63 -13.22
CA PRO A 175 -2.10 -6.31 -13.57
C PRO A 175 -2.14 -5.32 -12.41
N TYR A 176 -1.59 -5.68 -11.26
CA TYR A 176 -1.85 -4.88 -10.06
C TYR A 176 -0.98 -3.67 -9.89
N ALA A 177 0.25 -3.73 -10.36
CA ALA A 177 1.20 -2.65 -10.01
C ALA A 177 0.76 -1.21 -10.41
N PRO A 178 0.22 -1.04 -11.63
CA PRO A 178 -0.16 0.32 -11.98
C PRO A 178 -1.21 0.90 -11.02
N ARG A 179 -2.08 0.04 -10.50
CA ARG A 179 -2.96 0.41 -9.41
C ARG A 179 -2.30 0.69 -8.07
N ALA A 180 -1.31 -0.11 -7.72
CA ALA A 180 -0.70 0.00 -6.38
C ALA A 180 0.26 1.16 -6.32
N MET A 181 0.89 1.46 -7.44
CA MET A 181 1.95 2.51 -7.40
C MET A 181 1.49 3.87 -6.85
N PRO A 182 0.31 4.38 -7.25
CA PRO A 182 -0.22 5.61 -6.63
C PRO A 182 -0.32 5.55 -5.10
N ILE A 183 -0.63 4.37 -4.58
CA ILE A 183 -0.77 4.21 -3.15
C ILE A 183 0.61 4.22 -2.42
N ARG A 184 1.57 3.51 -2.97
CA ARG A 184 2.97 3.61 -2.58
C ARG A 184 3.44 5.07 -2.54
N ALA A 185 3.08 5.83 -3.58
CA ALA A 185 3.49 7.26 -3.73
C ALA A 185 2.79 8.05 -2.60
N LEU A 186 1.47 7.84 -2.44
CA LEU A 186 0.67 8.51 -1.38
C LEU A 186 1.14 8.23 0.02
N GLU A 187 1.28 6.95 0.31
CA GLU A 187 1.53 6.54 1.65
C GLU A 187 2.92 6.94 2.08
N ASN A 188 3.83 7.16 1.10
CA ASN A 188 5.15 7.68 1.43
C ASN A 188 5.37 9.12 1.13
N LYS A 189 4.36 9.75 0.49
CA LYS A 189 4.48 11.08 -0.01
C LYS A 189 5.76 11.23 -0.89
N VAL A 190 5.92 10.32 -1.85
CA VAL A 190 7.03 10.39 -2.82
C VAL A 190 6.46 10.40 -4.20
N TYR A 191 7.31 10.71 -5.18
CA TYR A 191 6.97 10.43 -6.55
C TYR A 191 7.49 9.06 -6.93
N THR A 192 6.75 8.36 -7.77
CA THR A 192 7.22 7.06 -8.28
C THR A 192 7.27 7.08 -9.79
N VAL A 193 8.32 6.50 -10.37
CA VAL A 193 8.44 6.36 -11.81
C VAL A 193 8.68 4.90 -12.12
N THR A 194 7.61 4.24 -12.57
CA THR A 194 7.67 2.84 -12.91
C THR A 194 7.92 2.77 -14.41
N ALA A 195 9.01 2.15 -14.79
CA ALA A 195 9.33 1.99 -16.19
C ALA A 195 9.15 0.51 -16.52
N ASP A 196 8.07 0.20 -17.21
CA ASP A 196 7.73 -1.19 -17.56
C ASP A 196 8.23 -1.44 -18.94
N ARG A 197 8.48 -2.72 -19.24
CA ARG A 197 8.71 -3.10 -20.59
C ARG A 197 7.35 -3.48 -21.20
N VAL A 198 7.39 -3.69 -22.50
CA VAL A 198 6.27 -4.20 -23.27
C VAL A 198 6.74 -5.47 -23.98
N GLY A 199 5.83 -6.13 -24.70
CA GLY A 199 6.22 -7.23 -25.57
C GLY A 199 5.79 -8.60 -25.10
N GLU A 200 6.01 -9.57 -25.98
CA GLU A 200 5.87 -10.98 -25.68
C GLU A 200 7.22 -11.64 -25.83
N GLU A 201 7.58 -12.44 -24.86
CA GLU A 201 8.89 -13.04 -24.86
C GLU A 201 8.78 -14.50 -24.45
N ARG A 202 8.95 -15.38 -25.45
CA ARG A 202 8.88 -16.84 -25.28
C ARG A 202 7.56 -17.29 -24.67
N GLY A 203 6.51 -16.58 -25.08
CA GLY A 203 5.14 -16.84 -24.70
C GLY A 203 4.68 -16.01 -23.55
N LEU A 204 5.58 -15.21 -22.96
CA LEU A 204 5.20 -14.41 -21.77
C LEU A 204 4.91 -12.99 -22.16
N LYS A 205 3.73 -12.49 -21.82
CA LYS A 205 3.44 -11.11 -22.18
C LYS A 205 3.58 -10.20 -20.98
N PHE A 206 4.19 -9.02 -21.22
CA PHE A 206 4.27 -8.01 -20.18
C PHE A 206 3.22 -6.95 -20.36
N ILE A 207 2.97 -6.25 -19.27
CA ILE A 207 1.84 -5.34 -19.11
C ILE A 207 1.94 -3.94 -19.74
N GLY A 208 3.14 -3.45 -20.04
CA GLY A 208 3.27 -2.05 -20.46
C GLY A 208 2.87 -1.20 -19.24
N LYS A 209 2.12 -0.14 -19.47
CA LYS A 209 1.57 0.70 -18.39
C LYS A 209 2.61 1.28 -17.44
N SER A 210 3.84 1.53 -17.93
CA SER A 210 4.76 2.39 -17.18
C SER A 210 4.03 3.60 -16.69
N LEU A 211 4.39 4.10 -15.51
CA LEU A 211 3.64 5.21 -14.97
C LEU A 211 4.43 6.07 -14.02
N ILE A 212 4.08 7.35 -13.97
CA ILE A 212 4.58 8.24 -12.93
C ILE A 212 3.44 8.62 -12.03
N ALA A 213 3.67 8.52 -10.73
CA ALA A 213 2.67 8.78 -9.69
C ALA A 213 3.15 9.83 -8.72
N SER A 214 2.22 10.69 -8.28
CA SER A 214 2.53 11.79 -7.40
C SER A 214 2.25 11.41 -5.94
N PRO A 215 2.80 12.19 -5.00
CA PRO A 215 2.57 11.93 -3.60
C PRO A 215 1.11 12.11 -3.17
N LYS A 216 0.24 12.55 -4.08
CA LYS A 216 -1.18 12.63 -3.73
C LYS A 216 -1.93 11.50 -4.46
N ALA A 217 -1.19 10.48 -4.91
CA ALA A 217 -1.74 9.32 -5.61
C ALA A 217 -2.32 9.68 -6.98
N GLU A 218 -1.76 10.73 -7.58
CA GLU A 218 -2.13 11.13 -8.91
C GLU A 218 -1.28 10.43 -9.96
N VAL A 219 -1.90 9.93 -11.01
CA VAL A 219 -1.10 9.39 -12.10
C VAL A 219 -0.78 10.50 -13.10
N LEU A 220 0.47 10.96 -13.03
CA LEU A 220 0.98 12.09 -13.82
C LEU A 220 1.31 11.67 -15.22
N SER A 221 1.67 10.39 -15.40
CA SER A 221 1.95 9.86 -16.72
C SER A 221 1.75 8.35 -16.70
N MET A 222 1.14 7.85 -17.76
CA MET A 222 0.96 6.41 -17.95
C MET A 222 1.14 6.04 -19.42
N ALA A 223 1.82 4.94 -19.62
CA ALA A 223 2.13 4.46 -20.94
C ALA A 223 1.15 3.40 -21.41
N SER A 224 1.29 3.04 -22.69
CA SER A 224 0.45 1.99 -23.29
C SER A 224 0.77 0.59 -22.76
N GLU A 225 -0.05 -0.38 -23.17
CA GLU A 225 0.23 -1.73 -22.79
CA GLU A 225 0.19 -1.79 -22.84
C GLU A 225 1.33 -2.38 -23.66
N THR A 226 1.49 -1.94 -24.90
CA THR A 226 2.37 -2.66 -25.85
C THR A 226 3.42 -1.86 -26.64
N GLU A 227 3.32 -0.54 -26.61
CA GLU A 227 4.26 0.31 -27.35
C GLU A 227 5.47 0.78 -26.58
N GLU A 228 6.56 0.95 -27.33
CA GLU A 228 7.75 1.50 -26.77
C GLU A 228 7.53 2.98 -26.76
N GLU A 229 7.69 3.60 -25.59
CA GLU A 229 7.44 5.04 -25.42
C GLU A 229 8.16 5.62 -24.20
N VAL A 230 8.23 6.94 -24.20
CA VAL A 230 8.69 7.69 -23.04
C VAL A 230 7.53 8.48 -22.43
N GLY A 231 7.63 8.81 -21.14
CA GLY A 231 6.71 9.72 -20.51
C GLY A 231 7.52 10.54 -19.53
N VAL A 232 7.13 11.79 -19.35
CA VAL A 232 7.84 12.77 -18.53
C VAL A 232 6.84 13.45 -17.59
N ALA A 233 7.30 13.93 -16.46
CA ALA A 233 6.44 14.61 -15.53
C ALA A 233 7.30 15.55 -14.76
N GLU A 234 6.74 16.74 -14.55
CA GLU A 234 7.35 17.72 -13.69
C GLU A 234 6.99 17.32 -12.29
N ILE A 235 7.98 17.31 -11.42
CA ILE A 235 7.71 16.98 -10.03
C ILE A 235 8.19 18.09 -9.13
N ASP A 236 7.46 18.26 -8.02
CA ASP A 236 7.69 19.33 -7.07
C ASP A 236 8.32 18.78 -5.81
N LEU A 237 9.60 19.08 -5.62
CA LEU A 237 10.35 18.38 -4.60
C LEU A 237 9.92 18.73 -3.18
N SER A 238 9.47 19.96 -2.97
CA SER A 238 9.13 20.43 -1.64
C SER A 238 7.95 19.66 -1.09
N LEU A 239 7.08 19.24 -1.99
CA LEU A 239 5.89 18.43 -1.69
C LEU A 239 6.25 17.11 -1.05
N VAL A 240 7.32 16.49 -1.55
CA VAL A 240 7.75 15.21 -1.06
C VAL A 240 8.69 15.33 0.13
N ARG A 241 9.34 16.47 0.27
CA ARG A 241 10.34 16.63 1.32
C ARG A 241 9.75 16.98 2.65
N ASN A 242 8.54 17.50 2.64
CA ASN A 242 7.92 17.79 3.89
C ASN A 242 6.80 16.78 4.08
N LYS A 243 6.88 15.97 5.13
CA LYS A 243 5.91 14.86 5.26
C LYS A 243 4.61 15.22 5.99
N ARG A 244 4.41 16.49 6.31
CA ARG A 244 3.11 16.92 6.88
C ARG A 244 2.01 16.68 5.90
N ILE A 245 0.86 16.19 6.36
CA ILE A 245 -0.31 16.07 5.48
C ILE A 245 -1.47 16.93 5.97
N ASN A 246 -1.30 17.53 7.15
CA ASN A 246 -2.15 18.58 7.66
C ASN A 246 -1.36 19.16 8.81
N ASP A 247 -1.85 20.23 9.43
CA ASP A 247 -1.08 20.91 10.48
C ASP A 247 -0.75 20.03 11.68
N LEU A 248 -1.49 18.92 11.84
CA LEU A 248 -1.40 18.07 13.02
C LEU A 248 -0.85 16.65 12.73
N ASN A 249 -0.52 16.35 11.48
CA ASN A 249 -0.06 15.00 11.15
C ASN A 249 1.13 15.07 10.17
N ASP A 250 2.20 14.39 10.53
CA ASP A 250 3.34 14.22 9.66
C ASP A 250 3.52 12.72 9.58
N ILE A 251 3.56 12.20 8.35
CA ILE A 251 3.46 10.75 8.11
C ILE A 251 4.56 10.09 8.88
N PHE A 252 5.77 10.61 8.70
CA PHE A 252 6.93 10.00 9.30
C PHE A 252 6.99 10.16 10.81
N LYS A 253 6.60 11.33 11.30
CA LYS A 253 6.54 11.57 12.75
C LYS A 253 5.40 10.77 13.38
N ASP A 254 4.37 10.47 12.59
CA ASP A 254 3.21 9.74 13.15
C ASP A 254 3.36 8.24 13.16
N ARG A 255 4.39 7.73 12.50
CA ARG A 255 4.64 6.29 12.48
C ARG A 255 4.97 5.90 13.93
N ARG A 256 4.49 4.73 14.34
CA ARG A 256 4.69 4.23 15.70
C ARG A 256 5.17 2.80 15.62
N GLU A 257 6.47 2.66 15.36
CA GLU A 257 7.08 1.41 14.95
C GLU A 257 7.02 0.32 16.02
N GLU A 258 6.84 0.71 17.29
CA GLU A 258 6.73 -0.29 18.38
C GLU A 258 5.59 -1.24 18.12
N TYR A 259 4.63 -0.77 17.32
CA TYR A 259 3.43 -1.56 16.96
C TYR A 259 3.45 -2.23 15.59
N TYR A 260 4.55 -2.13 14.85
CA TYR A 260 4.56 -2.73 13.53
C TYR A 260 5.25 -4.07 13.56
N PHE A 261 4.56 -5.17 13.24
CA PHE A 261 5.24 -6.46 13.27
C PHE A 261 6.32 -6.53 12.16
N ARG A 262 7.46 -7.15 12.50
CA ARG A 262 8.70 -7.10 11.70
C ARG A 262 8.64 -7.58 10.24
N VAL B 2 -18.73 -17.93 4.52
CA VAL B 2 -18.98 -16.96 5.64
C VAL B 2 -19.14 -15.56 5.07
N LYS B 3 -20.16 -14.85 5.54
CA LYS B 3 -20.37 -13.49 5.07
C LYS B 3 -19.96 -12.48 6.15
N VAL B 4 -19.42 -11.36 5.68
CA VAL B 4 -18.99 -10.28 6.57
C VAL B 4 -19.74 -9.08 6.07
N ALA B 5 -19.92 -8.07 6.92
CA ALA B 5 -20.69 -6.93 6.54
C ALA B 5 -20.09 -5.66 7.12
N TYR B 6 -20.32 -4.51 6.47
CA TYR B 6 -20.19 -3.26 7.20
C TYR B 6 -21.59 -2.67 7.49
N VAL B 7 -21.65 -1.78 8.46
CA VAL B 7 -22.81 -0.96 8.76
C VAL B 7 -22.32 0.43 8.55
N GLN B 8 -22.87 1.08 7.56
CA GLN B 8 -22.43 2.44 7.28
C GLN B 8 -23.55 3.25 7.90
N MET B 9 -23.24 4.20 8.78
CA MET B 9 -24.29 4.88 9.52
C MET B 9 -23.84 6.29 9.77
N ASN B 10 -24.76 7.12 10.20
CA ASN B 10 -24.50 8.50 10.54
C ASN B 10 -24.60 8.76 12.06
N PRO B 11 -23.50 8.60 12.83
CA PRO B 11 -23.53 8.89 14.25
C PRO B 11 -23.93 10.34 14.52
N GLN B 12 -24.89 10.54 15.42
CA GLN B 12 -25.31 11.86 15.81
C GLN B 12 -24.49 12.25 17.00
N ILE B 13 -23.77 13.34 16.87
CA ILE B 13 -22.73 13.67 17.83
C ILE B 13 -23.33 13.87 19.19
N LEU B 14 -22.71 13.27 20.21
CA LEU B 14 -23.11 13.32 21.63
C LEU B 14 -24.46 12.66 21.99
N GLU B 15 -24.96 11.79 21.11
CA GLU B 15 -26.26 11.09 21.29
C GLU B 15 -26.16 9.54 21.23
N PRO B 16 -25.48 8.90 22.22
CA PRO B 16 -25.25 7.46 22.17
C PRO B 16 -26.56 6.71 21.99
N ASP B 17 -27.63 7.11 22.72
CA ASP B 17 -28.87 6.34 22.69
C ASP B 17 -29.48 6.36 21.28
N LYS B 18 -29.43 7.49 20.58
CA LYS B 18 -29.84 7.49 19.19
C LYS B 18 -28.94 6.59 18.31
N ASN B 19 -27.66 6.53 18.66
CA ASN B 19 -26.74 5.79 17.82
C ASN B 19 -26.85 4.30 18.10
N TYR B 20 -27.15 3.94 19.36
CA TYR B 20 -27.51 2.56 19.68
C TYR B 20 -28.70 2.10 18.89
N SER B 21 -29.79 2.86 18.93
CA SER B 21 -30.98 2.40 18.22
C SER B 21 -30.73 2.23 16.74
N LYS B 22 -30.03 3.19 16.15
CA LYS B 22 -29.66 3.15 14.72
C LYS B 22 -28.76 1.94 14.41
N ALA B 23 -27.81 1.69 15.29
CA ALA B 23 -26.84 0.64 15.10
C ALA B 23 -27.57 -0.68 15.17
N GLU B 24 -28.48 -0.79 16.12
CA GLU B 24 -29.23 -2.02 16.32
C GLU B 24 -30.05 -2.37 15.10
N LYS B 25 -30.73 -1.35 14.57
CA LYS B 25 -31.53 -1.51 13.37
C LYS B 25 -30.66 -2.12 12.27
N LEU B 26 -29.54 -1.46 11.97
CA LEU B 26 -28.64 -1.86 10.89
C LEU B 26 -27.88 -3.17 11.10
N ILE B 27 -27.56 -3.51 12.34
CA ILE B 27 -26.88 -4.76 12.60
C ILE B 27 -27.83 -5.92 12.35
N LYS B 28 -29.07 -5.78 12.79
CA LYS B 28 -30.11 -6.75 12.45
C LYS B 28 -30.25 -6.90 10.94
N GLU B 29 -30.20 -5.79 10.19
CA GLU B 29 -30.28 -5.85 8.73
C GLU B 29 -29.13 -6.69 8.20
N ALA B 30 -27.93 -6.37 8.69
CA ALA B 30 -26.72 -7.10 8.26
C ALA B 30 -26.92 -8.59 8.56
N SER B 31 -27.43 -8.90 9.74
CA SER B 31 -27.58 -10.25 10.18
C SER B 31 -28.59 -11.03 9.32
N LYS B 32 -29.71 -10.38 8.98
CA LYS B 32 -30.78 -10.96 8.18
C LYS B 32 -30.22 -11.31 6.80
N GLN B 33 -29.32 -10.46 6.34
CA GLN B 33 -28.62 -10.69 5.10
C GLN B 33 -27.56 -11.76 5.19
N GLY B 34 -27.41 -12.35 6.35
CA GLY B 34 -26.58 -13.54 6.54
C GLY B 34 -25.16 -13.28 7.01
N ALA B 35 -24.86 -12.01 7.34
CA ALA B 35 -23.61 -11.63 7.98
C ALA B 35 -23.39 -12.38 9.25
N GLN B 36 -22.19 -12.90 9.41
CA GLN B 36 -21.75 -13.38 10.70
C GLN B 36 -20.86 -12.36 11.40
N LEU B 37 -20.15 -11.55 10.62
CA LEU B 37 -19.34 -10.48 11.19
C LEU B 37 -19.84 -9.14 10.70
N VAL B 38 -20.02 -8.20 11.62
CA VAL B 38 -20.59 -6.92 11.25
C VAL B 38 -19.68 -5.84 11.80
N VAL B 39 -19.25 -4.94 10.93
CA VAL B 39 -18.37 -3.83 11.30
C VAL B 39 -19.10 -2.51 11.23
N LEU B 40 -18.91 -1.71 12.27
CA LEU B 40 -19.49 -0.40 12.44
C LEU B 40 -18.41 0.68 12.37
N PRO B 41 -18.81 1.94 12.14
CA PRO B 41 -17.80 3.02 11.98
C PRO B 41 -17.03 3.37 13.25
N GLU B 42 -15.99 4.17 13.04
CA GLU B 42 -15.28 4.84 14.10
CA GLU B 42 -15.27 4.84 14.12
C GLU B 42 -16.27 5.67 14.94
N LEU B 43 -16.11 5.61 16.26
CA LEU B 43 -16.90 6.46 17.18
C LEU B 43 -18.39 6.51 16.78
N PHE B 44 -19.01 5.34 16.56
CA PHE B 44 -20.39 5.29 16.10
C PHE B 44 -21.31 5.83 17.21
N ASP B 45 -20.87 5.74 18.47
CA ASP B 45 -21.76 6.03 19.59
C ASP B 45 -21.67 7.51 20.00
N THR B 46 -20.51 8.13 19.81
CA THR B 46 -20.32 9.54 20.25
C THR B 46 -20.32 10.52 19.11
N GLY B 47 -19.99 10.04 17.91
CA GLY B 47 -19.81 10.95 16.77
C GLY B 47 -18.35 11.41 16.92
N TYR B 48 -17.93 12.34 16.08
CA TYR B 48 -16.48 12.52 15.86
C TYR B 48 -15.98 13.95 16.16
N ASN B 49 -16.68 14.91 15.60
CA ASN B 49 -16.11 16.24 15.50
C ASN B 49 -16.32 17.14 16.74
N PHE B 50 -15.68 16.77 17.82
CA PHE B 50 -15.93 17.43 19.10
C PHE B 50 -15.34 18.82 19.08
N GLU B 51 -16.04 19.76 19.73
CA GLU B 51 -15.56 21.13 19.92
C GLU B 51 -14.53 21.07 21.02
N THR B 52 -14.87 20.35 22.08
CA THR B 52 -14.00 20.26 23.27
C THR B 52 -13.88 18.82 23.72
N ARG B 53 -12.79 18.49 24.43
CA ARG B 53 -12.66 17.17 25.05
C ARG B 53 -13.74 16.88 26.07
N GLU B 54 -14.19 17.92 26.78
CA GLU B 54 -15.26 17.73 27.75
C GLU B 54 -16.54 17.13 27.17
N GLU B 55 -16.96 17.56 25.99
CA GLU B 55 -18.23 16.99 25.51
C GLU B 55 -18.18 15.48 25.30
N VAL B 56 -17.05 14.98 24.82
CA VAL B 56 -16.92 13.54 24.60
C VAL B 56 -16.60 12.84 25.91
N PHE B 57 -15.76 13.46 26.72
CA PHE B 57 -15.39 12.81 27.97
C PHE B 57 -16.61 12.54 28.85
N GLU B 58 -17.60 13.42 28.75
CA GLU B 58 -18.76 13.36 29.66
C GLU B 58 -19.59 12.13 29.34
N ILE B 59 -19.64 11.78 28.04
CA ILE B 59 -20.48 10.66 27.56
C ILE B 59 -19.76 9.33 27.29
N ALA B 60 -18.46 9.41 27.00
CA ALA B 60 -17.65 8.24 26.74
C ALA B 60 -17.88 7.12 27.74
N GLN B 61 -18.05 5.91 27.22
CA GLN B 61 -18.31 4.73 28.04
C GLN B 61 -17.08 3.89 28.22
N LYS B 62 -16.92 3.36 29.44
CA LYS B 62 -16.01 2.27 29.77
C LYS B 62 -16.23 1.10 28.88
N ILE B 63 -15.13 0.41 28.58
CA ILE B 63 -15.20 -0.88 27.91
C ILE B 63 -14.61 -1.90 28.90
N PRO B 64 -15.31 -3.03 29.12
CA PRO B 64 -16.53 -3.52 28.49
C PRO B 64 -17.81 -3.20 29.29
N GLU B 65 -17.66 -2.60 30.46
CA GLU B 65 -18.78 -2.50 31.39
C GLU B 65 -19.73 -1.35 31.05
N GLY B 66 -19.31 -0.49 30.12
CA GLY B 66 -20.09 0.71 29.74
C GLY B 66 -21.18 0.32 28.77
N GLU B 67 -22.07 1.29 28.53
CA GLU B 67 -23.33 1.14 27.79
C GLU B 67 -23.15 0.78 26.32
N THR B 68 -22.03 1.20 25.72
CA THR B 68 -21.83 0.89 24.33
C THR B 68 -21.55 -0.58 24.17
N THR B 69 -20.66 -1.12 24.97
CA THR B 69 -20.30 -2.54 24.87
C THR B 69 -21.50 -3.35 25.29
N THR B 70 -22.21 -2.84 26.30
CA THR B 70 -23.28 -3.53 26.89
C THR B 70 -24.42 -3.67 25.88
N PHE B 71 -24.69 -2.55 25.20
CA PHE B 71 -25.67 -2.57 24.13
C PHE B 71 -25.26 -3.48 23.00
N LEU B 72 -23.99 -3.43 22.58
CA LEU B 72 -23.51 -4.30 21.48
C LEU B 72 -23.56 -5.80 21.83
N MET B 73 -23.18 -6.12 23.05
CA MET B 73 -23.33 -7.48 23.55
C MET B 73 -24.77 -7.97 23.46
N ASP B 74 -25.72 -7.08 23.76
CA ASP B 74 -27.12 -7.48 23.72
C ASP B 74 -27.48 -7.80 22.29
N VAL B 75 -27.12 -6.87 21.38
CA VAL B 75 -27.42 -7.02 19.96
C VAL B 75 -26.76 -8.29 19.39
N ALA B 76 -25.49 -8.52 19.75
CA ALA B 76 -24.64 -9.66 19.27
C ALA B 76 -25.41 -10.94 19.58
N ARG B 77 -25.79 -11.04 20.85
CA ARG B 77 -26.61 -12.14 21.36
C ARG B 77 -27.95 -12.36 20.64
N ASP B 78 -28.73 -11.28 20.46
CA ASP B 78 -30.09 -11.42 19.92
C ASP B 78 -30.07 -11.70 18.42
N THR B 79 -29.05 -11.18 17.73
CA THR B 79 -28.97 -11.35 16.30
C THR B 79 -28.02 -12.48 15.92
N GLY B 80 -27.20 -12.93 16.85
CA GLY B 80 -26.26 -13.99 16.61
C GLY B 80 -25.20 -13.52 15.62
N VAL B 81 -24.60 -12.37 15.90
CA VAL B 81 -23.52 -11.90 15.04
C VAL B 81 -22.36 -11.45 15.86
N TYR B 82 -21.22 -11.34 15.19
CA TYR B 82 -20.09 -10.73 15.81
C TYR B 82 -19.95 -9.32 15.34
N ILE B 83 -19.65 -8.43 16.28
CA ILE B 83 -19.62 -7.02 15.93
C ILE B 83 -18.27 -6.40 16.22
N VAL B 84 -17.78 -5.65 15.24
CA VAL B 84 -16.64 -4.75 15.49
C VAL B 84 -17.15 -3.31 15.33
N ALA B 85 -17.02 -2.50 16.37
CA ALA B 85 -17.59 -1.16 16.37
C ALA B 85 -16.71 -0.09 17.05
N GLY B 86 -16.61 1.07 16.41
CA GLY B 86 -15.77 2.16 16.93
C GLY B 86 -16.55 2.86 18.02
N THR B 87 -15.90 3.09 19.14
CA THR B 87 -16.52 3.75 20.32
C THR B 87 -15.51 4.60 21.08
N ALA B 88 -15.99 5.69 21.71
CA ALA B 88 -15.06 6.50 22.51
C ALA B 88 -14.90 5.80 23.82
N GLU B 89 -13.66 5.47 24.16
CA GLU B 89 -13.44 4.71 25.38
C GLU B 89 -12.96 5.57 26.52
N LYS B 90 -13.77 5.65 27.59
CA LYS B 90 -13.29 6.17 28.86
C LYS B 90 -12.55 5.10 29.58
N ASP B 91 -11.38 5.46 30.10
CA ASP B 91 -10.57 4.53 30.88
C ASP B 91 -9.95 5.40 31.94
N GLY B 92 -10.62 5.48 33.11
CA GLY B 92 -10.21 6.45 34.13
C GLY B 92 -10.39 7.87 33.59
N ASP B 93 -9.30 8.65 33.54
CA ASP B 93 -9.37 10.04 33.07
C ASP B 93 -9.00 10.20 31.59
N VAL B 94 -8.65 9.08 30.96
CA VAL B 94 -8.04 9.08 29.64
C VAL B 94 -9.16 8.73 28.68
N LEU B 95 -9.05 9.16 27.43
CA LEU B 95 -10.00 8.78 26.41
C LEU B 95 -9.25 8.09 25.29
N TYR B 96 -9.79 6.98 24.79
CA TYR B 96 -9.19 6.37 23.61
C TYR B 96 -10.20 6.33 22.50
N ASN B 97 -9.71 6.40 21.25
CA ASN B 97 -10.54 6.24 20.07
C ASN B 97 -10.45 4.73 19.79
N SER B 98 -11.48 4.01 20.20
CA SER B 98 -11.43 2.57 20.23
C SER B 98 -12.35 1.85 19.32
N ALA B 99 -12.16 0.52 19.24
CA ALA B 99 -13.09 -0.41 18.58
C ALA B 99 -13.40 -1.52 19.58
N VAL B 100 -14.69 -1.88 19.75
CA VAL B 100 -15.08 -3.06 20.53
C VAL B 100 -15.39 -4.24 19.62
N VAL B 101 -15.08 -5.43 20.10
CA VAL B 101 -15.33 -6.68 19.40
C VAL B 101 -16.14 -7.49 20.43
N VAL B 102 -17.37 -7.81 20.04
CA VAL B 102 -18.31 -8.59 20.86
C VAL B 102 -18.87 -9.65 19.94
N GLY B 103 -19.26 -10.78 20.51
CA GLY B 103 -19.92 -11.84 19.76
C GLY B 103 -21.15 -12.31 20.54
N PRO B 104 -21.87 -13.31 20.01
CA PRO B 104 -23.13 -13.66 20.64
C PRO B 104 -23.02 -14.09 22.10
N ARG B 105 -21.83 -14.49 22.51
CA ARG B 105 -21.67 -14.94 23.88
C ARG B 105 -21.13 -13.87 24.83
N GLY B 106 -20.67 -12.76 24.27
CA GLY B 106 -20.23 -11.62 25.09
C GLY B 106 -19.06 -10.85 24.50
N PHE B 107 -18.32 -10.22 25.39
CA PHE B 107 -17.27 -9.27 24.99
C PHE B 107 -16.04 -10.02 24.57
N ILE B 108 -15.53 -9.71 23.38
CA ILE B 108 -14.33 -10.37 22.90
C ILE B 108 -13.07 -9.57 23.22
N GLY B 109 -13.11 -8.28 22.92
CA GLY B 109 -11.92 -7.44 22.95
C GLY B 109 -12.10 -6.06 22.36
N LYS B 110 -11.01 -5.30 22.40
CA LYS B 110 -11.00 -3.94 21.97
C LYS B 110 -9.67 -3.57 21.33
N TYR B 111 -9.75 -2.57 20.47
CA TYR B 111 -8.56 -2.05 19.79
C TYR B 111 -8.59 -0.54 20.05
N ARG B 112 -7.42 0.06 20.27
CA ARG B 112 -7.31 1.49 20.50
C ARG B 112 -6.52 2.12 19.37
N LYS B 113 -7.13 3.09 18.72
CA LYS B 113 -6.59 3.69 17.49
C LYS B 113 -5.14 4.11 17.75
N ILE B 114 -4.22 3.44 17.04
CA ILE B 114 -2.77 3.75 17.12
C ILE B 114 -2.39 5.09 16.48
N HIS B 115 -2.95 5.40 15.31
CA HIS B 115 -2.52 6.58 14.60
C HIS B 115 -3.60 7.61 14.64
N LEU B 116 -3.48 8.60 15.51
CA LEU B 116 -4.56 9.56 15.67
C LEU B 116 -4.50 10.58 14.56
N PHE B 117 -5.68 11.00 14.12
CA PHE B 117 -5.80 11.93 13.05
C PHE B 117 -6.23 13.31 13.51
N TYR B 118 -5.43 14.29 13.10
CA TYR B 118 -5.78 15.68 13.28
C TYR B 118 -6.23 16.00 14.72
N ARG B 119 -7.41 16.58 14.90
CA ARG B 119 -7.89 17.03 16.23
C ARG B 119 -8.17 15.93 17.24
N GLU B 120 -8.17 14.67 16.78
CA GLU B 120 -8.26 13.53 17.70
C GLU B 120 -7.14 13.59 18.69
N LYS B 121 -6.04 14.23 18.28
CA LYS B 121 -4.90 14.39 19.15
C LYS B 121 -5.25 15.34 20.31
N PHE B 122 -6.23 16.21 20.13
CA PHE B 122 -6.71 17.03 21.28
C PHE B 122 -7.58 16.29 22.30
N PHE B 123 -8.20 15.19 21.91
CA PHE B 123 -9.18 14.51 22.81
C PHE B 123 -8.76 13.16 23.27
N PHE B 124 -8.08 12.43 22.40
CA PHE B 124 -7.77 11.05 22.67
C PHE B 124 -6.31 10.81 22.96
N GLU B 125 -6.04 9.81 23.75
CA GLU B 125 -4.70 9.31 23.82
C GLU B 125 -4.41 8.38 22.63
N PRO B 126 -3.18 8.43 22.10
CA PRO B 126 -2.80 7.43 21.08
C PRO B 126 -3.00 6.02 21.66
N GLY B 127 -3.42 5.08 20.82
CA GLY B 127 -3.76 3.77 21.30
C GLY B 127 -2.52 3.08 21.80
N ASP B 128 -2.71 2.11 22.69
CA ASP B 128 -1.57 1.49 23.39
C ASP B 128 -1.68 -0.03 23.51
N LEU B 129 -2.60 -0.66 22.76
CA LEU B 129 -2.81 -2.12 22.84
C LEU B 129 -2.26 -2.82 21.59
N GLY B 130 -1.69 -2.03 20.70
CA GLY B 130 -1.11 -2.51 19.46
C GLY B 130 -2.20 -2.96 18.49
N PHE B 131 -1.82 -3.71 17.46
CA PHE B 131 -2.77 -4.17 16.45
C PHE B 131 -3.11 -5.61 16.80
N ARG B 132 -4.39 -5.87 17.15
CA ARG B 132 -4.75 -7.18 17.66
C ARG B 132 -5.59 -7.92 16.62
N VAL B 133 -5.53 -9.24 16.66
CA VAL B 133 -6.30 -10.07 15.79
C VAL B 133 -7.09 -10.93 16.77
N PHE B 134 -8.39 -10.92 16.58
CA PHE B 134 -9.29 -11.63 17.48
C PHE B 134 -9.73 -12.90 16.77
N ASP B 135 -9.63 -14.02 17.47
CA ASP B 135 -9.89 -15.35 16.92
C ASP B 135 -11.30 -15.70 17.34
N LEU B 136 -12.22 -15.71 16.37
CA LEU B 136 -13.63 -16.06 16.64
C LEU B 136 -13.88 -17.57 16.51
N GLY B 137 -12.81 -18.33 16.33
CA GLY B 137 -12.97 -19.79 16.19
C GLY B 137 -13.12 -20.12 14.72
N PHE B 138 -14.08 -19.48 14.07
CA PHE B 138 -14.35 -19.65 12.66
C PHE B 138 -13.60 -18.71 11.70
N MET B 139 -12.90 -17.73 12.26
CA MET B 139 -12.07 -16.81 11.45
C MET B 139 -11.36 -15.91 12.41
N LYS B 140 -10.30 -15.29 11.92
CA LYS B 140 -9.51 -14.40 12.76
C LYS B 140 -9.77 -13.01 12.21
N VAL B 141 -10.15 -12.14 13.12
CA VAL B 141 -10.56 -10.76 12.74
C VAL B 141 -9.56 -9.76 13.27
N GLY B 142 -8.90 -9.07 12.36
CA GLY B 142 -7.97 -8.00 12.71
C GLY B 142 -8.77 -6.72 12.77
N VAL B 143 -8.30 -5.78 13.58
CA VAL B 143 -8.95 -4.47 13.68
C VAL B 143 -7.94 -3.30 13.58
N MET B 144 -8.30 -2.35 12.75
CA MET B 144 -7.67 -1.05 12.79
C MET B 144 -8.76 -0.03 12.55
N ILE B 145 -8.43 1.23 12.79
CA ILE B 145 -9.43 2.28 12.81
C ILE B 145 -8.96 3.40 11.96
N CSX B 146 -10.00 3.70 10.85
CA CSX B 146 -9.82 4.81 9.95
CB CSX B 146 -10.34 5.94 10.80
SG CSX B 146 -10.73 7.34 9.71
C CSX B 146 -8.35 5.06 9.54
O CSX B 146 -7.69 4.18 8.95
OD CSX B 146 -10.26 8.39 10.65
N PHE B 147 -7.60 6.29 10.05
CA PHE B 147 -6.29 6.81 9.57
C PHE B 147 -5.25 5.72 9.62
N ASP B 148 -5.49 4.71 10.44
CA ASP B 148 -4.63 3.56 10.51
C ASP B 148 -4.32 2.98 9.12
N TRP B 149 -5.24 3.17 8.18
CA TRP B 149 -5.14 2.58 6.84
C TRP B 149 -3.97 3.20 6.13
N PHE B 150 -3.69 4.46 6.50
CA PHE B 150 -2.68 5.25 5.78
C PHE B 150 -1.30 4.67 5.88
N PHE B 151 -1.02 4.07 7.03
CA PHE B 151 0.26 3.42 7.26
C PHE B 151 0.12 1.99 6.79
N PRO B 152 0.90 1.59 5.77
CA PRO B 152 0.76 0.23 5.33
C PRO B 152 1.10 -0.79 6.42
N GLU B 153 1.83 -0.35 7.41
CA GLU B 153 2.23 -1.19 8.51
C GLU B 153 1.02 -1.70 9.35
N SER B 154 -0.02 -0.87 9.45
CA SER B 154 -1.20 -1.26 10.20
C SER B 154 -1.74 -2.56 9.65
N ALA B 155 -2.17 -2.53 8.38
CA ALA B 155 -2.77 -3.73 7.78
C ALA B 155 -1.78 -4.86 7.77
N ARG B 156 -0.51 -4.55 7.49
CA ARG B 156 0.52 -5.58 7.42
C ARG B 156 0.61 -6.33 8.75
N THR B 157 0.71 -5.58 9.85
CA THR B 157 0.81 -6.14 11.18
C THR B 157 -0.32 -7.10 11.48
N LEU B 158 -1.54 -6.67 11.22
CA LEU B 158 -2.73 -7.51 11.39
C LEU B 158 -2.72 -8.73 10.48
N ALA B 159 -2.31 -8.54 9.22
CA ALA B 159 -2.25 -9.67 8.32
C ALA B 159 -1.16 -10.67 8.81
N LEU B 160 0.00 -10.17 9.20
CA LEU B 160 1.08 -11.00 9.69
C LEU B 160 0.69 -11.71 10.99
N LYS B 161 -0.19 -11.08 11.77
CA LYS B 161 -0.71 -11.66 12.98
C LYS B 161 -1.86 -12.66 12.72
N GLY B 162 -2.12 -12.93 11.46
CA GLY B 162 -3.07 -13.92 11.05
C GLY B 162 -4.51 -13.52 10.81
N ALA B 163 -4.84 -12.23 10.66
CA ALA B 163 -6.19 -11.87 10.24
C ALA B 163 -6.64 -12.51 8.95
N ASP B 164 -7.87 -12.95 8.97
CA ASP B 164 -8.51 -13.40 7.77
C ASP B 164 -9.14 -12.17 7.16
N VAL B 165 -9.76 -11.37 8.03
CA VAL B 165 -10.38 -10.15 7.66
C VAL B 165 -9.86 -9.04 8.59
N ILE B 166 -9.66 -7.87 8.01
CA ILE B 166 -9.44 -6.68 8.78
C ILE B 166 -10.74 -5.92 8.82
N ALA B 167 -11.29 -5.83 10.02
CA ALA B 167 -12.40 -4.98 10.31
C ALA B 167 -11.84 -3.58 10.56
N HIS B 168 -12.40 -2.62 9.84
CA HIS B 168 -11.78 -1.28 9.77
C HIS B 168 -12.86 -0.21 9.96
N PRO B 169 -13.32 0.00 11.21
CA PRO B 169 -14.14 1.15 11.57
C PRO B 169 -13.44 2.43 11.15
N ALA B 170 -14.11 3.27 10.39
CA ALA B 170 -13.53 4.52 9.85
C ALA B 170 -14.54 5.64 9.92
N ASN B 171 -14.04 6.88 9.98
CA ASN B 171 -14.81 8.09 9.66
C ASN B 171 -13.85 8.80 8.67
N LEU B 172 -13.88 8.42 7.38
CA LEU B 172 -12.96 8.96 6.39
C LEU B 172 -13.39 10.35 5.95
N VAL B 173 -12.39 11.22 5.86
CA VAL B 173 -12.58 12.58 5.41
C VAL B 173 -11.71 12.86 4.20
N MET B 174 -10.60 12.13 4.08
CA MET B 174 -9.74 12.17 2.89
C MET B 174 -10.31 11.25 1.78
N PRO B 175 -9.92 11.51 0.53
CA PRO B 175 -10.48 10.80 -0.62
C PRO B 175 -9.87 9.41 -0.84
N TYR B 176 -8.77 9.13 -0.15
CA TYR B 176 -7.83 8.10 -0.61
C TYR B 176 -8.23 6.67 -0.27
N ALA B 177 -8.88 6.49 0.88
CA ALA B 177 -8.94 5.14 1.48
C ALA B 177 -9.63 4.08 0.63
N PRO B 178 -10.77 4.43 -0.01
CA PRO B 178 -11.45 3.48 -0.91
C PRO B 178 -10.52 2.88 -1.98
N ARG B 179 -9.64 3.71 -2.53
CA ARG B 179 -8.72 3.25 -3.52
C ARG B 179 -7.55 2.50 -2.93
N ALA B 180 -7.20 2.86 -1.70
CA ALA B 180 -6.09 2.24 -0.99
C ALA B 180 -6.47 0.89 -0.41
N MET B 181 -7.71 0.75 0.03
CA MET B 181 -8.04 -0.47 0.74
C MET B 181 -7.87 -1.75 -0.11
N PRO B 182 -8.30 -1.77 -1.40
CA PRO B 182 -8.02 -2.97 -2.22
C PRO B 182 -6.52 -3.32 -2.32
N ILE B 183 -5.67 -2.27 -2.29
CA ILE B 183 -4.26 -2.49 -2.33
C ILE B 183 -3.80 -3.06 -1.01
N ARG B 184 -4.36 -2.56 0.09
CA ARG B 184 -3.99 -3.14 1.36
C ARG B 184 -4.39 -4.63 1.44
N ALA B 185 -5.55 -4.91 0.89
CA ALA B 185 -6.10 -6.30 0.91
C ALA B 185 -5.14 -7.21 0.11
N LEU B 186 -4.76 -6.72 -1.06
CA LEU B 186 -3.91 -7.45 -2.01
C LEU B 186 -2.53 -7.73 -1.43
N GLU B 187 -1.89 -6.67 -0.93
CA GLU B 187 -0.47 -6.77 -0.52
C GLU B 187 -0.37 -7.68 0.72
N ASN B 188 -1.48 -7.84 1.42
CA ASN B 188 -1.55 -8.75 2.53
C ASN B 188 -2.32 -10.05 2.30
N LYS B 189 -2.95 -10.18 1.13
CA LYS B 189 -3.85 -11.30 0.85
C LYS B 189 -4.81 -11.47 2.05
N VAL B 190 -5.47 -10.39 2.40
CA VAL B 190 -6.57 -10.48 3.40
C VAL B 190 -7.80 -9.94 2.79
N TYR B 191 -8.94 -10.09 3.47
CA TYR B 191 -10.09 -9.28 3.10
C TYR B 191 -10.11 -8.09 4.06
N THR B 192 -10.66 -6.99 3.59
CA THR B 192 -10.82 -5.81 4.50
C THR B 192 -12.26 -5.38 4.46
N VAL B 193 -12.76 -4.95 5.62
CA VAL B 193 -14.12 -4.45 5.71
C VAL B 193 -14.03 -3.08 6.36
N THR B 194 -14.12 -2.07 5.53
CA THR B 194 -14.09 -0.68 5.97
C THR B 194 -15.47 -0.20 6.19
N ALA B 195 -15.79 0.09 7.44
CA ALA B 195 -17.12 0.54 7.77
C ALA B 195 -16.96 2.02 8.04
N ASP B 196 -17.34 2.83 7.07
CA ASP B 196 -17.15 4.24 7.21
C ASP B 196 -18.45 4.80 7.75
N ARG B 197 -18.38 5.97 8.37
CA ARG B 197 -19.61 6.66 8.61
C ARG B 197 -20.00 7.52 7.40
N VAL B 198 -21.18 8.11 7.50
CA VAL B 198 -21.56 9.16 6.61
C VAL B 198 -21.87 10.40 7.49
N GLY B 199 -22.21 11.49 6.84
CA GLY B 199 -22.72 12.67 7.54
C GLY B 199 -21.82 13.88 7.37
N GLU B 200 -22.39 15.02 7.72
CA GLU B 200 -21.70 16.30 7.83
C GLU B 200 -21.88 16.59 9.29
N GLU B 201 -20.78 16.78 9.98
CA GLU B 201 -20.87 16.87 11.40
C GLU B 201 -20.08 18.06 11.90
N ARG B 202 -20.80 19.05 12.41
CA ARG B 202 -20.24 20.36 12.72
C ARG B 202 -19.28 20.83 11.61
N GLY B 203 -19.66 20.69 10.35
CA GLY B 203 -18.83 21.18 9.23
C GLY B 203 -17.83 20.22 8.59
N LEU B 204 -17.58 19.09 9.25
CA LEU B 204 -16.64 18.09 8.71
C LEU B 204 -17.48 17.06 7.99
N LYS B 205 -17.16 16.82 6.71
CA LYS B 205 -17.92 15.94 5.83
C LYS B 205 -17.25 14.58 5.63
N PHE B 206 -17.92 13.52 6.07
CA PHE B 206 -17.37 12.19 5.92
C PHE B 206 -17.69 11.63 4.53
N ILE B 207 -16.89 10.69 4.04
CA ILE B 207 -16.99 10.34 2.64
C ILE B 207 -17.85 9.08 2.36
N GLY B 208 -18.28 8.35 3.40
CA GLY B 208 -19.00 7.12 3.17
C GLY B 208 -18.07 6.13 2.46
N LYS B 209 -18.56 5.54 1.38
CA LYS B 209 -17.85 4.54 0.53
C LYS B 209 -17.21 3.41 1.37
N SER B 210 -17.90 2.98 2.43
CA SER B 210 -17.64 1.71 3.09
C SER B 210 -17.40 0.66 2.02
N LEU B 211 -16.44 -0.19 2.25
CA LEU B 211 -16.12 -1.23 1.28
C LEU B 211 -15.54 -2.48 1.87
N ILE B 212 -15.70 -3.55 1.11
CA ILE B 212 -15.17 -4.81 1.51
C ILE B 212 -14.22 -5.14 0.37
N ALA B 213 -12.94 -5.32 0.68
CA ALA B 213 -12.02 -5.58 -0.44
C ALA B 213 -11.53 -7.01 -0.33
N SER B 214 -11.37 -7.67 -1.47
CA SER B 214 -10.85 -9.02 -1.53
C SER B 214 -9.33 -9.07 -1.69
N PRO B 215 -8.74 -10.23 -1.42
CA PRO B 215 -7.29 -10.33 -1.57
C PRO B 215 -6.80 -10.31 -3.02
N LYS B 216 -7.70 -10.21 -3.99
CA LYS B 216 -7.24 -9.96 -5.36
C LYS B 216 -7.45 -8.50 -5.73
N ALA B 217 -7.54 -7.65 -4.70
CA ALA B 217 -7.89 -6.23 -4.84
C ALA B 217 -9.22 -5.93 -5.54
N GLU B 218 -10.22 -6.81 -5.39
CA GLU B 218 -11.55 -6.62 -6.01
C GLU B 218 -12.38 -5.96 -4.93
N VAL B 219 -13.18 -5.00 -5.33
CA VAL B 219 -14.14 -4.43 -4.41
C VAL B 219 -15.35 -5.36 -4.46
N LEU B 220 -15.58 -6.06 -3.37
CA LEU B 220 -16.74 -6.95 -3.24
C LEU B 220 -18.06 -6.28 -2.86
N SER B 221 -17.99 -5.16 -2.15
CA SER B 221 -19.14 -4.36 -1.78
C SER B 221 -18.65 -2.95 -1.52
N MET B 222 -19.27 -1.96 -2.11
CA MET B 222 -18.97 -0.57 -1.72
C MET B 222 -20.24 0.19 -1.50
N ALA B 223 -20.24 1.00 -0.45
CA ALA B 223 -21.42 1.72 -0.03
C ALA B 223 -21.44 3.06 -0.73
N SER B 224 -22.60 3.71 -0.68
CA SER B 224 -22.75 5.12 -1.08
C SER B 224 -21.89 6.12 -0.29
N GLU B 225 -21.83 7.35 -0.82
CA GLU B 225 -21.11 8.43 -0.16
C GLU B 225 -21.86 9.04 1.03
N THR B 226 -23.18 8.89 1.04
CA THR B 226 -24.12 9.68 1.87
C THR B 226 -25.11 8.88 2.74
N GLU B 227 -25.34 7.62 2.40
CA GLU B 227 -26.46 6.88 2.95
C GLU B 227 -26.01 5.90 3.99
N GLU B 228 -26.90 5.68 4.96
CA GLU B 228 -26.70 4.67 5.94
C GLU B 228 -27.15 3.37 5.30
N GLU B 229 -26.35 2.32 5.47
CA GLU B 229 -26.62 1.07 4.77
C GLU B 229 -25.69 -0.01 5.24
N VAL B 230 -26.00 -1.24 4.83
CA VAL B 230 -25.17 -2.37 5.17
C VAL B 230 -24.72 -3.00 3.87
N GLY B 231 -23.55 -3.56 3.90
CA GLY B 231 -23.05 -4.26 2.73
C GLY B 231 -22.48 -5.52 3.25
N VAL B 232 -22.74 -6.60 2.52
CA VAL B 232 -22.38 -7.95 2.89
C VAL B 232 -21.66 -8.60 1.72
N ALA B 233 -20.64 -9.36 2.03
CA ALA B 233 -19.96 -10.14 0.98
C ALA B 233 -19.52 -11.48 1.54
N GLU B 234 -19.52 -12.54 0.71
CA GLU B 234 -18.96 -13.82 1.11
C GLU B 234 -17.43 -13.77 0.99
N ILE B 235 -16.73 -14.28 1.99
CA ILE B 235 -15.29 -14.28 1.92
C ILE B 235 -14.77 -15.73 1.92
N ASP B 236 -13.74 -15.97 1.12
CA ASP B 236 -13.15 -17.29 0.98
C ASP B 236 -11.97 -17.38 1.91
N LEU B 237 -12.19 -17.98 3.08
CA LEU B 237 -11.14 -18.02 4.06
C LEU B 237 -9.86 -18.72 3.54
N SER B 238 -10.04 -19.72 2.66
CA SER B 238 -8.91 -20.54 2.20
C SER B 238 -7.98 -19.66 1.41
N LEU B 239 -8.58 -18.71 0.71
CA LEU B 239 -7.89 -17.82 -0.17
C LEU B 239 -6.93 -16.93 0.58
N VAL B 240 -7.22 -16.61 1.84
CA VAL B 240 -6.40 -15.62 2.54
C VAL B 240 -5.46 -16.31 3.48
N ARG B 241 -5.80 -17.54 3.84
CA ARG B 241 -4.95 -18.31 4.75
C ARG B 241 -3.77 -18.91 4.00
N ASN B 242 -3.83 -18.91 2.69
CA ASN B 242 -2.72 -19.39 1.86
C ASN B 242 -2.01 -18.22 1.18
N LYS B 243 -0.84 -17.85 1.66
CA LYS B 243 -0.16 -16.63 1.16
C LYS B 243 0.55 -16.79 -0.19
N ARG B 244 0.41 -17.96 -0.81
CA ARG B 244 0.97 -18.22 -2.13
C ARG B 244 0.35 -17.24 -3.11
N ILE B 245 1.15 -16.59 -3.95
CA ILE B 245 0.56 -15.85 -5.05
C ILE B 245 0.76 -16.61 -6.35
N ASN B 246 1.68 -17.55 -6.35
CA ASN B 246 1.88 -18.51 -7.44
C ASN B 246 2.61 -19.61 -6.71
N ASP B 247 3.15 -20.62 -7.39
CA ASP B 247 3.80 -21.71 -6.68
CA ASP B 247 3.82 -21.74 -6.72
C ASP B 247 5.26 -21.46 -6.33
N LEU B 248 5.79 -20.30 -6.72
CA LEU B 248 7.18 -19.92 -6.41
C LEU B 248 7.26 -18.69 -5.53
N ASN B 249 6.11 -18.11 -5.25
CA ASN B 249 6.03 -16.92 -4.41
C ASN B 249 4.94 -17.01 -3.37
N ASP B 250 5.31 -16.72 -2.14
CA ASP B 250 4.39 -16.69 -1.03
C ASP B 250 4.67 -15.37 -0.38
N ILE B 251 3.63 -14.57 -0.22
CA ILE B 251 3.87 -13.18 0.18
C ILE B 251 4.71 -13.03 1.47
N PHE B 252 4.37 -13.83 2.48
CA PHE B 252 5.00 -13.75 3.76
C PHE B 252 6.35 -14.45 3.73
N LYS B 253 6.45 -15.56 2.99
CA LYS B 253 7.74 -16.24 2.88
C LYS B 253 8.74 -15.31 2.19
N ASP B 254 8.23 -14.53 1.24
CA ASP B 254 9.06 -13.68 0.40
C ASP B 254 9.53 -12.36 1.01
N ARG B 255 8.93 -11.94 2.12
CA ARG B 255 9.33 -10.67 2.75
C ARG B 255 10.76 -10.84 3.21
N ARG B 256 11.56 -9.82 2.97
CA ARG B 256 12.97 -9.84 3.30
C ARG B 256 13.23 -8.71 4.30
N GLU B 257 12.88 -9.02 5.53
CA GLU B 257 12.75 -8.07 6.63
C GLU B 257 14.08 -7.43 7.01
N GLU B 258 15.19 -8.14 6.78
CA GLU B 258 16.51 -7.57 7.06
C GLU B 258 16.73 -6.29 6.20
N TYR B 259 15.93 -6.10 5.15
CA TYR B 259 16.16 -4.93 4.27
C TYR B 259 15.19 -3.82 4.52
N TYR B 260 14.25 -4.05 5.43
CA TYR B 260 13.17 -3.11 5.61
C TYR B 260 13.48 -2.07 6.65
N PHE B 261 13.11 -0.84 6.30
CA PHE B 261 13.17 0.35 7.16
C PHE B 261 14.57 0.62 7.71
N ARG B 262 15.59 0.26 6.92
CA ARG B 262 17.01 0.39 7.30
C ARG B 262 17.91 0.64 6.09
BR BR C . 27.30 0.70 -6.56
BR BR D . 22.11 -7.63 -30.69
BR BR D . 23.08 -8.28 -29.87
BR BR E . 26.97 11.92 -12.24
BR BR F . 12.60 21.24 -18.99
BR BR G . 20.72 4.82 0.87
BR BR H . 5.40 -1.12 5.42
C ACY I . 4.36 -7.93 -11.43
O ACY I . 3.57 -7.25 -10.73
OXT ACY I . 4.06 -8.46 -12.51
CH3 ACY I . 5.77 -8.09 -10.91
BR BR J . 3.99 -7.58 -11.52
BR BR K . -18.82 -14.72 21.41
BR BR L . -9.73 -6.13 25.87
BR BR M . -33.14 4.47 15.00
BR BR N . -7.26 15.45 1.58
BR BR O . -19.52 -11.68 -2.23
C ACY P . -8.95 9.66 6.08
O ACY P . -9.89 10.44 5.86
OXT ACY P . -8.44 8.93 5.21
CH3 ACY P . -8.41 9.65 7.47
BR BR Q . -9.05 9.23 5.95
MG MG R . 11.82 -13.17 5.13
#